data_1T7O
#
_entry.id   1T7O
#
_cell.length_a   71.340
_cell.length_b   71.340
_cell.length_c   128.770
_cell.angle_alpha   90.00
_cell.angle_beta   90.00
_cell.angle_gamma   90.00
#
_symmetry.space_group_name_H-M   'P 43'
#
loop_
_entity.id
_entity.type
_entity.pdbx_description
1 polymer 'Carnitine acetyltransferase'
2 non-polymer CARNITINE
3 water water
#
_entity_poly.entity_id   1
_entity_poly.type   'polypeptide(L)'
_entity_poly.pdbx_seq_one_letter_code
;MGSSHHHHHHSSGLVPRGSHMAHQDALPRLPVPPLQQSLDYYLKALQPIVSEEEWAHTKQLVDEFQTSGGVGERLQKGLE
RRAKKMENWLSEWWLKTAYLQFRQPVVIYSSPGVILPKQDFVDLQGQLRFAAKLIEGVLDFKSMIDNETLPVEFLGGQPL
CMNQYYQILSSCRVPGPKQDSVVNFLKSKRPPTHITVVHNYQFFELDVYHSDGTPLTSDQIFVQLEKIWNSSLQSNKEPV
GILTSNHRNTWAKAYNNLIKDKVNRESVNSIQKSIFTVCLDKQVPRVSDDVYRNHVAGQMLHGGGSKFNSGNRWFDKTLQ
FIVAEDGSCGMVYEHAAAEGPPIVALVDHVMEYTKKPELVRSPMVPLPMPKKLRFNITPEIKNDIEKAKQNLSIMIQDLD
IMMLTFHHFGKDFPKSEKLSPDAFIQVALQLAYYRIYGQACATYESASLRMFHLGRTDTIRSASIDSLAFVKGMGDSTVP
EQQKVELLRKAVQAHRAYTDRAIRGEAFDRHLLGLKLQAIEDLVSMPDIFMDTSYAIAMHFNLSTSQVPAKTDCVGFFGP
VVPDGYGICYNPMEAHINFSVSAYNSCAETNAARMAHYLEKALLDMRTLLQNHPRAKL
;
_entity_poly.pdbx_strand_id   A
#
loop_
_chem_comp.id
_chem_comp.type
_chem_comp.name
_chem_comp.formula
152 non-polymer CARNITINE 'C7 H16 N O3 1'
#
# COMPACT_ATOMS: atom_id res chain seq x y z
N SER A 19 6.71 -14.61 -14.17
CA SER A 19 7.53 -15.86 -14.19
C SER A 19 7.27 -16.64 -15.47
N HIS A 20 7.29 -17.97 -15.38
CA HIS A 20 7.06 -18.83 -16.53
C HIS A 20 6.06 -18.28 -17.54
N MET A 21 6.46 -18.30 -18.81
CA MET A 21 5.64 -17.82 -19.91
C MET A 21 4.34 -18.63 -20.02
N ALA A 22 4.47 -19.95 -19.93
CA ALA A 22 3.34 -20.87 -20.02
C ALA A 22 2.30 -20.52 -18.97
N HIS A 23 2.79 -20.23 -17.77
CA HIS A 23 1.92 -19.88 -16.65
C HIS A 23 1.08 -18.65 -16.97
N GLN A 24 1.73 -17.54 -17.30
CA GLN A 24 1.05 -16.29 -17.62
C GLN A 24 0.11 -16.40 -18.83
N ASP A 25 0.49 -17.26 -19.77
CA ASP A 25 -0.33 -17.51 -20.95
C ASP A 25 -1.63 -18.23 -20.64
N ALA A 26 -1.66 -18.96 -19.53
CA ALA A 26 -2.86 -19.69 -19.14
C ALA A 26 -3.83 -18.85 -18.31
N LEU A 27 -3.41 -17.66 -17.92
CA LEU A 27 -4.28 -16.80 -17.11
C LEU A 27 -5.48 -16.26 -17.84
N PRO A 28 -6.64 -16.23 -17.16
CA PRO A 28 -7.80 -15.68 -17.84
C PRO A 28 -7.60 -14.17 -17.86
N ARG A 29 -8.10 -13.48 -18.88
CA ARG A 29 -7.90 -12.04 -18.94
C ARG A 29 -9.01 -11.34 -18.13
N LEU A 30 -8.69 -10.18 -17.54
CA LEU A 30 -9.69 -9.48 -16.73
C LEU A 30 -10.98 -9.35 -17.52
N PRO A 31 -12.11 -9.71 -16.90
CA PRO A 31 -13.39 -9.62 -17.60
C PRO A 31 -14.13 -8.31 -17.45
N VAL A 32 -15.20 -8.17 -18.23
CA VAL A 32 -16.08 -7.01 -18.16
C VAL A 32 -17.39 -7.62 -17.65
N PRO A 33 -17.77 -7.34 -16.39
CA PRO A 33 -19.02 -7.92 -15.87
C PRO A 33 -20.26 -7.41 -16.58
N PRO A 34 -21.35 -8.18 -16.54
CA PRO A 34 -22.57 -7.73 -17.21
C PRO A 34 -23.09 -6.45 -16.55
N LEU A 35 -23.52 -5.50 -17.36
CA LEU A 35 -24.05 -4.22 -16.89
C LEU A 35 -25.08 -4.38 -15.78
N GLN A 36 -26.08 -5.22 -16.01
CA GLN A 36 -27.15 -5.43 -15.03
C GLN A 36 -26.60 -5.98 -13.72
N GLN A 37 -25.59 -6.84 -13.81
CA GLN A 37 -25.00 -7.41 -12.61
C GLN A 37 -24.34 -6.33 -11.76
N SER A 38 -23.39 -5.61 -12.36
CA SER A 38 -22.67 -4.55 -11.66
C SER A 38 -23.60 -3.46 -11.14
N LEU A 39 -24.60 -3.07 -11.92
CA LEU A 39 -25.52 -2.03 -11.47
C LEU A 39 -26.40 -2.52 -10.33
N ASP A 40 -26.70 -3.81 -10.31
CA ASP A 40 -27.51 -4.35 -9.23
C ASP A 40 -26.67 -4.34 -7.95
N TYR A 41 -25.45 -4.88 -8.02
CA TYR A 41 -24.55 -4.90 -6.86
C TYR A 41 -24.33 -3.48 -6.35
N TYR A 42 -24.27 -2.55 -7.30
CA TYR A 42 -24.07 -1.15 -6.96
C TYR A 42 -25.19 -0.63 -6.08
N LEU A 43 -26.44 -0.92 -6.45
CA LEU A 43 -27.57 -0.45 -5.66
C LEU A 43 -27.60 -1.08 -4.27
N LYS A 44 -27.26 -2.37 -4.19
CA LYS A 44 -27.25 -3.08 -2.92
C LYS A 44 -26.23 -2.45 -1.95
N ALA A 45 -25.07 -2.09 -2.47
CA ALA A 45 -23.99 -1.51 -1.68
C ALA A 45 -24.26 -0.06 -1.29
N LEU A 46 -25.16 0.62 -2.00
CA LEU A 46 -25.50 2.02 -1.71
C LEU A 46 -26.50 2.13 -0.56
N GLN A 47 -27.44 1.19 -0.52
CA GLN A 47 -28.52 1.19 0.46
C GLN A 47 -28.11 1.48 1.91
N PRO A 48 -26.98 0.92 2.37
CA PRO A 48 -26.59 1.20 3.75
C PRO A 48 -25.95 2.56 4.01
N ILE A 49 -25.57 3.27 2.94
CA ILE A 49 -24.88 4.54 3.10
C ILE A 49 -25.55 5.82 2.55
N VAL A 50 -26.69 5.70 1.89
CA VAL A 50 -27.37 6.91 1.38
C VAL A 50 -28.80 6.92 1.90
N SER A 51 -29.49 8.04 1.71
CA SER A 51 -30.87 8.18 2.17
C SER A 51 -31.75 7.46 1.15
N GLU A 52 -33.02 7.28 1.51
CA GLU A 52 -33.94 6.60 0.61
C GLU A 52 -34.22 7.40 -0.65
N GLU A 53 -34.29 8.72 -0.50
CA GLU A 53 -34.55 9.61 -1.64
C GLU A 53 -33.40 9.46 -2.62
N GLU A 54 -32.18 9.59 -2.09
CA GLU A 54 -30.96 9.46 -2.88
C GLU A 54 -30.88 8.09 -3.53
N TRP A 55 -31.40 7.07 -2.83
CA TRP A 55 -31.36 5.70 -3.36
C TRP A 55 -32.41 5.52 -4.44
N ALA A 56 -33.57 6.13 -4.23
CA ALA A 56 -34.65 6.04 -5.19
C ALA A 56 -34.21 6.68 -6.50
N HIS A 57 -33.68 7.90 -6.41
CA HIS A 57 -33.22 8.63 -7.58
C HIS A 57 -32.10 7.87 -8.31
N THR A 58 -31.14 7.35 -7.55
CA THR A 58 -30.04 6.60 -8.15
C THR A 58 -30.65 5.35 -8.79
N LYS A 59 -31.74 4.86 -8.22
CA LYS A 59 -32.42 3.69 -8.77
C LYS A 59 -32.94 4.05 -10.17
N GLN A 60 -33.55 5.22 -10.27
CA GLN A 60 -34.08 5.66 -11.56
C GLN A 60 -32.94 5.87 -12.57
N LEU A 61 -31.87 6.53 -12.14
CA LEU A 61 -30.74 6.77 -13.03
C LEU A 61 -30.10 5.47 -13.49
N VAL A 62 -30.08 4.46 -12.63
CA VAL A 62 -29.50 3.16 -12.97
C VAL A 62 -30.27 2.51 -14.12
N ASP A 63 -31.59 2.65 -14.12
CA ASP A 63 -32.38 2.05 -15.18
C ASP A 63 -32.11 2.72 -16.50
N GLU A 64 -32.28 4.04 -16.52
CA GLU A 64 -32.04 4.83 -17.72
C GLU A 64 -30.69 4.52 -18.37
N PHE A 65 -29.70 4.30 -17.52
CA PHE A 65 -28.33 4.01 -17.96
C PHE A 65 -28.29 2.69 -18.72
N GLN A 66 -29.03 1.70 -18.26
CA GLN A 66 -29.03 0.41 -18.92
C GLN A 66 -30.21 0.15 -19.85
N THR A 67 -31.01 1.17 -20.12
CA THR A 67 -32.15 1.02 -21.00
C THR A 67 -31.71 0.56 -22.39
N SER A 68 -32.59 -0.15 -23.09
CA SER A 68 -32.29 -0.66 -24.42
C SER A 68 -31.79 0.41 -25.38
N GLY A 69 -30.63 0.13 -26.01
CA GLY A 69 -30.04 1.07 -26.95
C GLY A 69 -29.50 2.34 -26.32
N GLY A 70 -29.58 2.43 -25.00
CA GLY A 70 -29.11 3.60 -24.27
C GLY A 70 -27.61 3.77 -24.11
N VAL A 71 -27.20 4.83 -23.42
CA VAL A 71 -25.78 5.13 -23.19
C VAL A 71 -24.99 3.99 -22.56
N GLY A 72 -25.52 3.43 -21.49
CA GLY A 72 -24.86 2.34 -20.80
C GLY A 72 -24.41 1.23 -21.74
N GLU A 73 -25.31 0.81 -22.63
CA GLU A 73 -24.98 -0.23 -23.59
C GLU A 73 -23.79 0.14 -24.47
N ARG A 74 -23.82 1.35 -25.03
CA ARG A 74 -22.71 1.79 -25.90
C ARG A 74 -21.39 1.82 -25.14
N LEU A 75 -21.43 2.21 -23.87
CA LEU A 75 -20.21 2.27 -23.08
C LEU A 75 -19.77 0.86 -22.76
N GLN A 76 -20.73 0.02 -22.36
CA GLN A 76 -20.47 -1.37 -22.01
C GLN A 76 -19.76 -2.06 -23.16
N LYS A 77 -20.31 -1.94 -24.36
CA LYS A 77 -19.71 -2.57 -25.55
C LYS A 77 -18.33 -1.96 -25.82
N GLY A 78 -18.14 -0.72 -25.39
CA GLY A 78 -16.85 -0.08 -25.57
C GLY A 78 -15.82 -0.81 -24.73
N LEU A 79 -16.20 -1.15 -23.50
CA LEU A 79 -15.32 -1.86 -22.59
C LEU A 79 -15.04 -3.25 -23.13
N GLU A 80 -16.06 -3.90 -23.69
CA GLU A 80 -15.89 -5.23 -24.24
C GLU A 80 -14.92 -5.19 -25.42
N ARG A 81 -15.06 -4.19 -26.29
CA ARG A 81 -14.13 -4.09 -27.42
C ARG A 81 -12.74 -3.87 -26.84
N ARG A 82 -12.66 -2.93 -25.92
CA ARG A 82 -11.40 -2.57 -25.26
C ARG A 82 -10.67 -3.78 -24.69
N ALA A 83 -11.42 -4.74 -24.16
CA ALA A 83 -10.84 -5.94 -23.57
C ALA A 83 -10.34 -6.94 -24.62
N LYS A 84 -10.84 -6.82 -25.84
CA LYS A 84 -10.44 -7.70 -26.94
C LYS A 84 -9.13 -7.20 -27.52
N LYS A 85 -8.90 -5.89 -27.46
CA LYS A 85 -7.67 -5.33 -28.02
C LYS A 85 -6.56 -5.03 -27.00
N MET A 86 -6.73 -5.45 -25.74
CA MET A 86 -5.71 -5.22 -24.72
C MET A 86 -5.56 -6.40 -23.79
N GLU A 87 -4.37 -6.56 -23.24
CA GLU A 87 -4.11 -7.65 -22.33
C GLU A 87 -5.01 -7.50 -21.13
N ASN A 88 -5.17 -6.26 -20.68
CA ASN A 88 -6.02 -5.96 -19.54
C ASN A 88 -6.73 -4.63 -19.83
N TRP A 89 -8.05 -4.66 -19.92
CA TRP A 89 -8.79 -3.45 -20.23
C TRP A 89 -8.67 -2.36 -19.17
N LEU A 90 -8.25 -2.74 -17.96
CA LEU A 90 -8.15 -1.79 -16.86
C LEU A 90 -6.73 -1.38 -16.45
N SER A 91 -5.73 -2.15 -16.86
CA SER A 91 -4.35 -1.87 -16.50
C SER A 91 -3.87 -0.42 -16.60
N GLU A 92 -3.81 0.11 -17.82
CA GLU A 92 -3.34 1.46 -18.03
C GLU A 92 -4.25 2.44 -17.30
N TRP A 93 -5.55 2.22 -17.39
CA TRP A 93 -6.51 3.11 -16.74
C TRP A 93 -6.35 3.20 -15.25
N TRP A 94 -6.19 2.07 -14.57
CA TRP A 94 -6.04 2.06 -13.11
C TRP A 94 -4.74 2.74 -12.68
N LEU A 95 -3.65 2.36 -13.31
CA LEU A 95 -2.37 2.95 -13.01
C LEU A 95 -2.45 4.48 -13.18
N LYS A 96 -3.13 4.92 -14.23
CA LYS A 96 -3.24 6.34 -14.53
C LYS A 96 -4.09 7.18 -13.60
N THR A 97 -5.31 6.74 -13.33
CA THR A 97 -6.23 7.51 -12.48
C THR A 97 -6.03 7.39 -10.97
N ALA A 98 -5.48 6.26 -10.54
CA ALA A 98 -5.26 6.05 -9.13
C ALA A 98 -3.96 6.65 -8.64
N TYR A 99 -2.94 6.68 -9.49
CA TYR A 99 -1.63 7.18 -9.08
C TYR A 99 -0.95 8.28 -9.93
N LEU A 100 -0.62 7.95 -11.17
CA LEU A 100 0.05 8.92 -12.05
C LEU A 100 -0.71 10.25 -12.13
N GLN A 101 -2.04 10.22 -12.01
CA GLN A 101 -2.82 11.45 -12.06
C GLN A 101 -3.14 12.03 -10.69
N PHE A 102 -2.76 11.31 -9.64
CA PHE A 102 -2.98 11.76 -8.27
C PHE A 102 -1.85 12.74 -7.94
N ARG A 103 -2.18 14.03 -7.80
CA ARG A 103 -1.17 15.05 -7.56
C ARG A 103 -0.78 15.33 -6.11
N GLN A 104 -1.46 14.68 -5.18
CA GLN A 104 -1.13 14.82 -3.76
C GLN A 104 0.28 14.24 -3.57
N PRO A 105 0.98 14.66 -2.49
CA PRO A 105 2.32 14.09 -2.29
C PRO A 105 2.18 12.58 -2.11
N VAL A 106 3.16 11.80 -2.57
CA VAL A 106 3.04 10.35 -2.41
C VAL A 106 3.24 9.96 -0.97
N VAL A 107 3.94 10.81 -0.22
CA VAL A 107 4.20 10.53 1.19
C VAL A 107 2.90 10.63 1.96
N ILE A 108 2.64 9.65 2.81
CA ILE A 108 1.43 9.59 3.64
C ILE A 108 0.13 9.37 2.86
N TYR A 109 0.01 10.00 1.71
CA TYR A 109 -1.23 9.90 0.94
C TYR A 109 -1.32 8.74 -0.03
N SER A 110 -0.18 8.16 -0.39
CA SER A 110 -0.17 7.05 -1.34
C SER A 110 0.80 5.91 -1.01
N SER A 111 2.07 6.22 -0.78
CA SER A 111 3.07 5.19 -0.48
C SER A 111 2.82 4.52 0.88
N PRO A 112 2.58 3.20 0.87
CA PRO A 112 2.33 2.53 2.15
C PRO A 112 3.60 2.46 2.98
N GLY A 113 3.42 2.49 4.30
CA GLY A 113 4.54 2.39 5.21
C GLY A 113 4.49 1.04 5.90
N VAL A 114 5.64 0.41 6.07
CA VAL A 114 5.70 -0.88 6.72
C VAL A 114 6.73 -0.93 7.82
N ILE A 115 6.37 -1.56 8.93
CA ILE A 115 7.28 -1.68 10.05
C ILE A 115 7.56 -3.16 10.26
N LEU A 116 8.84 -3.53 10.21
CA LEU A 116 9.23 -4.92 10.40
C LEU A 116 9.59 -5.15 11.86
N PRO A 117 9.77 -6.42 12.24
CA PRO A 117 10.11 -6.78 13.63
C PRO A 117 11.46 -6.15 14.01
N LYS A 118 11.48 -5.46 15.15
CA LYS A 118 12.70 -4.81 15.59
C LYS A 118 13.91 -5.75 15.59
N GLN A 119 15.10 -5.19 15.44
CA GLN A 119 16.32 -6.00 15.45
C GLN A 119 17.03 -5.77 16.76
N ASP A 120 18.05 -6.59 17.03
CA ASP A 120 18.74 -6.49 18.30
C ASP A 120 20.08 -5.73 18.31
N PHE A 121 20.52 -5.23 17.16
CA PHE A 121 21.78 -4.50 17.14
C PHE A 121 21.67 -3.30 18.06
N VAL A 122 22.74 -3.01 18.78
CA VAL A 122 22.74 -1.90 19.72
C VAL A 122 23.78 -0.83 19.42
N ASP A 123 24.59 -1.06 18.39
CA ASP A 123 25.59 -0.05 18.01
C ASP A 123 25.58 0.12 16.50
N LEU A 124 26.33 1.11 16.03
CA LEU A 124 26.41 1.40 14.60
C LEU A 124 26.80 0.21 13.74
N GLN A 125 27.81 -0.52 14.19
CA GLN A 125 28.26 -1.65 13.42
C GLN A 125 27.14 -2.67 13.24
N GLY A 126 26.32 -2.84 14.28
CA GLY A 126 25.23 -3.78 14.19
C GLY A 126 24.22 -3.29 13.17
N GLN A 127 24.10 -1.98 13.06
CA GLN A 127 23.19 -1.35 12.12
C GLN A 127 23.64 -1.61 10.69
N LEU A 128 24.94 -1.49 10.44
CA LEU A 128 25.49 -1.73 9.11
C LEU A 128 25.47 -3.23 8.79
N ARG A 129 25.69 -4.06 9.80
CA ARG A 129 25.67 -5.51 9.62
C ARG A 129 24.28 -5.99 9.15
N PHE A 130 23.24 -5.61 9.89
CA PHE A 130 21.86 -5.97 9.56
C PHE A 130 21.53 -5.45 8.18
N ALA A 131 21.74 -4.15 7.99
CA ALA A 131 21.50 -3.50 6.71
C ALA A 131 22.12 -4.33 5.58
N ALA A 132 23.32 -4.87 5.83
CA ALA A 132 24.02 -5.67 4.85
C ALA A 132 23.30 -7.00 4.62
N LYS A 133 22.93 -7.68 5.70
CA LYS A 133 22.20 -8.96 5.60
C LYS A 133 20.95 -8.77 4.76
N LEU A 134 20.21 -7.70 5.06
CA LEU A 134 18.98 -7.40 4.35
C LEU A 134 19.23 -7.22 2.85
N ILE A 135 20.22 -6.42 2.47
CA ILE A 135 20.50 -6.22 1.04
C ILE A 135 20.73 -7.57 0.35
N GLU A 136 21.55 -8.42 0.95
CA GLU A 136 21.82 -9.73 0.40
C GLU A 136 20.50 -10.52 0.30
N GLY A 137 19.62 -10.30 1.27
CA GLY A 137 18.33 -10.98 1.29
C GLY A 137 17.49 -10.60 0.09
N VAL A 138 17.39 -9.30 -0.17
CA VAL A 138 16.62 -8.85 -1.32
C VAL A 138 17.24 -9.37 -2.62
N LEU A 139 18.57 -9.36 -2.71
CA LEU A 139 19.22 -9.84 -3.92
C LEU A 139 18.98 -11.33 -4.17
N ASP A 140 18.85 -12.10 -3.08
CA ASP A 140 18.58 -13.54 -3.23
C ASP A 140 17.17 -13.65 -3.80
N PHE A 141 16.29 -12.76 -3.36
CA PHE A 141 14.92 -12.72 -3.82
C PHE A 141 14.93 -12.28 -5.28
N LYS A 142 15.84 -11.38 -5.61
CA LYS A 142 15.94 -10.90 -6.97
C LYS A 142 16.44 -11.98 -7.94
N SER A 143 17.34 -12.84 -7.48
CA SER A 143 17.85 -13.87 -8.37
C SER A 143 16.70 -14.76 -8.85
N MET A 144 15.75 -15.01 -7.94
CA MET A 144 14.61 -15.84 -8.28
C MET A 144 13.76 -15.15 -9.33
N ILE A 145 13.63 -13.83 -9.25
CA ILE A 145 12.82 -13.09 -10.21
C ILE A 145 13.50 -13.00 -11.56
N ASP A 146 14.82 -12.80 -11.56
CA ASP A 146 15.53 -12.72 -12.82
C ASP A 146 15.45 -14.06 -13.55
N ASN A 147 15.85 -15.13 -12.86
CA ASN A 147 15.83 -16.49 -13.44
C ASN A 147 14.43 -17.01 -13.70
N GLU A 148 13.42 -16.37 -13.14
CA GLU A 148 12.05 -16.83 -13.31
C GLU A 148 11.86 -18.16 -12.61
N THR A 149 12.61 -18.36 -11.51
CA THR A 149 12.52 -19.58 -10.72
C THR A 149 11.62 -19.39 -9.50
N LEU A 150 11.13 -18.17 -9.31
CA LEU A 150 10.24 -17.89 -8.20
C LEU A 150 9.01 -18.78 -8.36
N PRO A 151 8.74 -19.65 -7.37
CA PRO A 151 7.59 -20.54 -7.45
C PRO A 151 6.31 -19.87 -7.91
N VAL A 152 5.80 -20.37 -9.02
CA VAL A 152 4.57 -19.90 -9.61
C VAL A 152 3.52 -20.05 -8.50
N GLU A 153 2.58 -19.11 -8.41
CA GLU A 153 1.57 -19.20 -7.35
C GLU A 153 0.16 -19.53 -7.82
N PHE A 154 -0.67 -20.01 -6.89
CA PHE A 154 -2.05 -20.40 -7.16
C PHE A 154 -2.97 -20.04 -5.97
N LEU A 155 -4.27 -20.18 -6.20
CA LEU A 155 -5.28 -19.95 -5.16
C LEU A 155 -6.43 -20.88 -5.50
N GLY A 156 -6.70 -21.82 -4.59
CA GLY A 156 -7.77 -22.76 -4.81
C GLY A 156 -7.49 -23.68 -5.99
N GLY A 157 -6.45 -23.36 -6.75
CA GLY A 157 -6.11 -24.17 -7.91
C GLY A 157 -6.13 -23.34 -9.17
N GLN A 158 -6.31 -22.03 -9.01
CA GLN A 158 -6.32 -21.12 -10.16
C GLN A 158 -4.99 -20.39 -10.16
N PRO A 159 -4.36 -20.27 -11.33
CA PRO A 159 -3.06 -19.57 -11.39
C PRO A 159 -3.19 -18.11 -10.95
N LEU A 160 -2.12 -17.53 -10.45
CA LEU A 160 -2.14 -16.13 -10.06
C LEU A 160 -1.09 -15.41 -10.89
N CYS A 161 -1.47 -14.29 -11.48
CA CYS A 161 -0.55 -13.50 -12.29
C CYS A 161 0.74 -13.20 -11.52
N MET A 162 1.88 -13.32 -12.17
CA MET A 162 3.16 -13.05 -11.52
C MET A 162 3.81 -11.73 -11.96
N ASN A 163 3.09 -10.96 -12.78
CA ASN A 163 3.60 -9.69 -13.30
C ASN A 163 3.95 -8.63 -12.25
N GLN A 164 3.33 -8.66 -11.09
CA GLN A 164 3.64 -7.65 -10.06
C GLN A 164 5.05 -7.80 -9.47
N TYR A 165 5.62 -9.00 -9.57
CA TYR A 165 6.96 -9.24 -9.04
C TYR A 165 8.04 -8.58 -9.88
N TYR A 166 7.74 -8.30 -11.13
CA TYR A 166 8.71 -7.69 -12.03
C TYR A 166 8.74 -6.17 -11.98
N GLN A 167 7.75 -5.57 -11.32
CA GLN A 167 7.63 -4.12 -11.24
C GLN A 167 8.35 -3.47 -10.05
N ILE A 168 8.36 -4.16 -8.92
CA ILE A 168 8.95 -3.61 -7.70
C ILE A 168 10.46 -3.35 -7.65
N LEU A 169 11.26 -4.03 -8.47
CA LEU A 169 12.71 -3.84 -8.45
C LEU A 169 13.22 -3.01 -9.64
N SER A 170 14.33 -2.31 -9.42
CA SER A 170 14.95 -1.47 -10.43
C SER A 170 13.98 -0.51 -11.10
N SER A 171 13.04 0.04 -10.35
CA SER A 171 12.10 0.97 -10.97
C SER A 171 12.04 2.26 -10.20
N CYS A 172 11.31 3.21 -10.75
CA CYS A 172 11.18 4.51 -10.10
C CYS A 172 10.07 5.35 -10.74
N ARG A 173 9.37 6.13 -9.91
CA ARG A 173 8.31 7.00 -10.40
C ARG A 173 9.02 8.24 -10.95
N VAL A 174 8.45 8.83 -12.00
CA VAL A 174 9.05 10.01 -12.61
C VAL A 174 8.06 11.18 -12.65
N PRO A 175 8.42 12.33 -12.03
CA PRO A 175 7.49 13.46 -12.04
C PRO A 175 7.14 13.93 -13.45
N GLY A 176 5.94 14.46 -13.60
CA GLY A 176 5.49 14.98 -14.87
C GLY A 176 4.68 16.24 -14.58
N PRO A 177 4.80 17.27 -15.43
CA PRO A 177 4.04 18.50 -15.19
C PRO A 177 2.54 18.27 -15.06
N LYS A 178 2.03 17.24 -15.75
CA LYS A 178 0.59 16.95 -15.68
C LYS A 178 0.29 15.65 -14.97
N GLN A 179 1.05 14.61 -15.29
CA GLN A 179 0.87 13.30 -14.66
C GLN A 179 2.19 12.58 -14.71
N ASP A 180 2.51 11.90 -13.63
CA ASP A 180 3.77 11.19 -13.55
C ASP A 180 3.78 9.98 -14.46
N SER A 181 4.83 9.18 -14.32
CA SER A 181 5.00 7.98 -15.11
C SER A 181 5.88 7.05 -14.30
N VAL A 182 6.10 5.85 -14.82
CA VAL A 182 6.91 4.87 -14.13
C VAL A 182 7.93 4.25 -15.07
N VAL A 183 9.19 4.21 -14.64
CA VAL A 183 10.23 3.61 -15.45
C VAL A 183 10.65 2.30 -14.78
N ASN A 184 10.98 1.30 -15.58
CA ASN A 184 11.41 0.02 -15.04
C ASN A 184 12.56 -0.50 -15.89
N PHE A 185 13.65 -0.91 -15.23
CA PHE A 185 14.82 -1.38 -15.96
C PHE A 185 15.20 -2.84 -15.66
N LEU A 186 14.38 -3.52 -14.86
CA LEU A 186 14.65 -4.90 -14.48
C LEU A 186 15.09 -5.78 -15.66
N LYS A 187 14.36 -5.67 -16.77
CA LYS A 187 14.65 -6.46 -17.96
C LYS A 187 15.07 -5.65 -19.18
N SER A 188 16.01 -4.73 -19.01
CA SER A 188 16.50 -3.95 -20.14
C SER A 188 17.78 -4.64 -20.63
N LYS A 189 18.40 -4.10 -21.68
CA LYS A 189 19.63 -4.71 -22.21
C LYS A 189 20.74 -4.74 -21.15
N ARG A 190 20.88 -3.63 -20.43
CA ARG A 190 21.88 -3.53 -19.38
C ARG A 190 21.20 -3.29 -18.03
N PRO A 191 20.51 -4.31 -17.51
CA PRO A 191 19.81 -4.20 -16.23
C PRO A 191 20.73 -3.66 -15.15
N PRO A 192 20.18 -2.90 -14.19
CA PRO A 192 20.98 -2.35 -13.11
C PRO A 192 21.63 -3.44 -12.27
N THR A 193 22.79 -3.12 -11.70
CA THR A 193 23.51 -4.05 -10.86
C THR A 193 23.95 -3.33 -9.59
N HIS A 194 23.47 -2.09 -9.43
CA HIS A 194 23.79 -1.26 -8.28
C HIS A 194 22.51 -0.84 -7.54
N ILE A 195 22.66 -0.49 -6.27
CA ILE A 195 21.54 0.00 -5.48
C ILE A 195 21.98 1.37 -5.03
N THR A 196 21.08 2.10 -4.39
CA THR A 196 21.42 3.40 -3.85
C THR A 196 21.31 3.35 -2.33
N VAL A 197 22.34 3.80 -1.65
CA VAL A 197 22.35 3.83 -0.20
C VAL A 197 22.39 5.31 0.20
N VAL A 198 21.61 5.69 1.20
CA VAL A 198 21.64 7.08 1.63
C VAL A 198 21.86 7.15 3.13
N HIS A 199 22.85 7.97 3.51
CA HIS A 199 23.21 8.15 4.90
C HIS A 199 23.45 9.63 5.16
N ASN A 200 22.89 10.13 6.24
CA ASN A 200 23.02 11.54 6.58
C ASN A 200 22.67 12.45 5.40
N TYR A 201 21.61 12.08 4.68
CA TYR A 201 21.09 12.82 3.52
C TYR A 201 21.87 12.70 2.21
N GLN A 202 23.03 12.06 2.24
CA GLN A 202 23.85 11.93 1.04
C GLN A 202 23.66 10.57 0.39
N PHE A 203 23.39 10.57 -0.92
CA PHE A 203 23.18 9.32 -1.65
C PHE A 203 24.48 8.76 -2.20
N PHE A 204 24.51 7.44 -2.37
CA PHE A 204 25.67 6.75 -2.91
C PHE A 204 25.22 5.66 -3.88
N GLU A 205 26.08 5.33 -4.83
CA GLU A 205 25.82 4.30 -5.83
C GLU A 205 26.73 3.13 -5.47
N LEU A 206 26.12 2.03 -5.03
CA LEU A 206 26.86 0.83 -4.62
C LEU A 206 26.58 -0.36 -5.52
N ASP A 207 27.61 -0.91 -6.14
CA ASP A 207 27.45 -2.09 -6.99
C ASP A 207 27.28 -3.29 -6.06
N VAL A 208 26.27 -4.12 -6.31
CA VAL A 208 26.01 -5.29 -5.48
C VAL A 208 26.27 -6.62 -6.19
N TYR A 209 26.99 -6.54 -7.31
CA TYR A 209 27.35 -7.71 -8.10
C TYR A 209 28.81 -7.59 -8.54
N HIS A 210 29.47 -8.73 -8.72
CA HIS A 210 30.86 -8.73 -9.17
C HIS A 210 30.86 -8.72 -10.69
N SER A 211 32.02 -8.93 -11.29
CA SER A 211 32.14 -8.94 -12.75
C SER A 211 31.47 -10.17 -13.33
N ASP A 212 31.54 -11.28 -12.60
CA ASP A 212 30.96 -12.53 -13.09
C ASP A 212 29.50 -12.77 -12.69
N GLY A 213 28.75 -11.71 -12.46
CA GLY A 213 27.35 -11.88 -12.11
C GLY A 213 27.08 -12.22 -10.66
N THR A 214 27.97 -12.97 -10.02
CA THR A 214 27.79 -13.34 -8.61
C THR A 214 27.57 -12.08 -7.77
N PRO A 215 26.63 -12.13 -6.82
CA PRO A 215 26.37 -10.96 -5.98
C PRO A 215 27.32 -10.89 -4.80
N LEU A 216 27.58 -9.68 -4.32
CA LEU A 216 28.46 -9.51 -3.17
C LEU A 216 27.88 -10.28 -1.99
N THR A 217 28.71 -10.52 -0.98
CA THR A 217 28.26 -11.24 0.20
C THR A 217 27.89 -10.25 1.32
N SER A 218 27.25 -10.78 2.36
CA SER A 218 26.85 -9.98 3.51
C SER A 218 28.07 -9.24 4.03
N ASP A 219 29.22 -9.89 3.94
CA ASP A 219 30.48 -9.31 4.39
C ASP A 219 31.04 -8.26 3.42
N GLN A 220 30.91 -8.52 2.11
CA GLN A 220 31.40 -7.59 1.11
C GLN A 220 30.53 -6.34 1.08
N ILE A 221 29.26 -6.52 1.44
CA ILE A 221 28.30 -5.43 1.48
C ILE A 221 28.63 -4.55 2.69
N PHE A 222 28.73 -5.19 3.86
CA PHE A 222 29.04 -4.47 5.10
C PHE A 222 30.26 -3.57 4.96
N VAL A 223 31.28 -4.06 4.26
CA VAL A 223 32.51 -3.31 4.05
C VAL A 223 32.22 -2.05 3.23
N GLN A 224 31.47 -2.22 2.16
CA GLN A 224 31.10 -1.11 1.29
C GLN A 224 30.27 -0.07 2.06
N LEU A 225 29.24 -0.54 2.77
CA LEU A 225 28.40 0.35 3.56
C LEU A 225 29.24 1.15 4.57
N GLU A 226 30.32 0.55 5.05
CA GLU A 226 31.19 1.22 6.01
C GLU A 226 31.90 2.39 5.33
N LYS A 227 32.35 2.19 4.09
CA LYS A 227 33.03 3.26 3.37
C LYS A 227 32.05 4.40 3.18
N ILE A 228 30.81 4.05 2.86
CA ILE A 228 29.76 5.05 2.66
C ILE A 228 29.54 5.79 3.96
N TRP A 229 29.34 5.05 5.04
CA TRP A 229 29.13 5.68 6.34
C TRP A 229 30.23 6.72 6.57
N ASN A 230 31.47 6.31 6.36
CA ASN A 230 32.61 7.22 6.54
C ASN A 230 32.57 8.40 5.56
N SER A 231 32.22 8.14 4.30
CA SER A 231 32.16 9.18 3.29
C SER A 231 30.98 10.13 3.46
N SER A 232 30.47 10.22 4.69
CA SER A 232 29.36 11.10 4.99
C SER A 232 29.19 11.13 6.50
N LEU A 233 30.29 11.43 7.19
CA LEU A 233 30.31 11.48 8.65
C LEU A 233 29.29 12.44 9.23
N GLN A 234 29.12 13.59 8.59
CA GLN A 234 28.19 14.60 9.08
C GLN A 234 26.96 14.80 8.21
N SER A 235 25.92 15.37 8.81
CA SER A 235 24.67 15.66 8.13
C SER A 235 24.85 17.08 7.61
N ASN A 236 26.02 17.29 7.00
CA ASN A 236 26.47 18.56 6.43
C ASN A 236 26.23 18.72 4.92
N LYS A 237 25.01 18.47 4.47
CA LYS A 237 24.67 18.59 3.05
C LYS A 237 23.18 18.89 2.98
N GLU A 238 22.72 19.38 1.84
CA GLU A 238 21.29 19.69 1.68
C GLU A 238 20.47 18.41 1.48
N PRO A 239 19.29 18.36 2.08
CA PRO A 239 18.49 17.15 1.89
C PRO A 239 17.71 17.19 0.57
N VAL A 240 18.43 17.07 -0.54
CA VAL A 240 17.80 17.11 -1.85
C VAL A 240 16.60 16.14 -1.90
N GLY A 241 16.82 14.91 -1.47
CA GLY A 241 15.77 13.90 -1.49
C GLY A 241 14.43 14.29 -0.88
N ILE A 242 14.43 15.19 0.09
CA ILE A 242 13.18 15.57 0.70
C ILE A 242 12.25 16.26 -0.31
N LEU A 243 12.80 16.69 -1.45
CA LEU A 243 11.99 17.34 -2.48
C LEU A 243 10.94 16.34 -3.03
N THR A 244 11.29 15.06 -3.03
CA THR A 244 10.41 14.02 -3.53
C THR A 244 9.15 13.81 -2.67
N SER A 245 8.96 14.61 -1.62
CA SER A 245 7.80 14.41 -0.77
C SER A 245 6.80 15.53 -0.82
N ASN A 246 7.01 16.48 -1.73
CA ASN A 246 6.11 17.61 -1.84
C ASN A 246 4.97 17.28 -2.80
N HIS A 247 4.04 18.22 -2.94
CA HIS A 247 2.92 18.04 -3.86
C HIS A 247 3.47 17.68 -5.24
N ARG A 248 2.87 16.70 -5.89
CA ARG A 248 3.35 16.28 -7.20
C ARG A 248 3.54 17.40 -8.24
N ASN A 249 2.72 18.44 -8.19
CA ASN A 249 2.87 19.53 -9.15
C ASN A 249 4.08 20.39 -8.81
N THR A 250 4.27 20.62 -7.53
CA THR A 250 5.39 21.40 -7.04
C THR A 250 6.68 20.63 -7.32
N TRP A 251 6.66 19.34 -7.00
CA TRP A 251 7.81 18.47 -7.20
C TRP A 251 8.20 18.35 -8.68
N ALA A 252 7.21 18.29 -9.58
CA ALA A 252 7.51 18.19 -11.01
C ALA A 252 8.32 19.39 -11.50
N LYS A 253 7.96 20.58 -11.03
CA LYS A 253 8.67 21.80 -11.40
C LYS A 253 10.07 21.80 -10.78
N ALA A 254 10.16 21.56 -9.47
CA ALA A 254 11.46 21.55 -8.80
C ALA A 254 12.33 20.43 -9.37
N TYR A 255 11.70 19.33 -9.76
CA TYR A 255 12.41 18.20 -10.33
C TYR A 255 13.05 18.59 -11.65
N ASN A 256 12.26 19.23 -12.49
CA ASN A 256 12.74 19.64 -13.79
C ASN A 256 13.90 20.62 -13.64
N ASN A 257 13.74 21.57 -12.73
CA ASN A 257 14.77 22.56 -12.49
C ASN A 257 16.02 21.91 -11.88
N LEU A 258 15.82 20.82 -11.16
CA LEU A 258 16.92 20.11 -10.53
C LEU A 258 17.82 19.39 -11.53
N ILE A 259 17.23 18.78 -12.54
CA ILE A 259 18.05 18.07 -13.51
C ILE A 259 18.50 18.94 -14.68
N LYS A 260 18.55 20.25 -14.50
CA LYS A 260 19.04 21.11 -15.58
C LYS A 260 20.55 21.04 -15.51
N ASP A 261 21.04 20.59 -14.36
CA ASP A 261 22.46 20.45 -14.11
C ASP A 261 22.90 19.05 -14.53
N LYS A 262 24.11 18.91 -15.04
CA LYS A 262 24.61 17.62 -15.50
C LYS A 262 24.87 16.63 -14.38
N VAL A 263 25.56 17.08 -13.33
CA VAL A 263 25.82 16.19 -12.20
C VAL A 263 24.50 15.80 -11.53
N ASN A 264 23.64 16.79 -11.26
CA ASN A 264 22.36 16.49 -10.61
C ASN A 264 21.63 15.40 -11.40
N ARG A 265 21.45 15.66 -12.69
CA ARG A 265 20.78 14.74 -13.59
C ARG A 265 21.41 13.34 -13.48
N GLU A 266 22.73 13.29 -13.49
CA GLU A 266 23.43 12.01 -13.38
C GLU A 266 23.19 11.32 -12.06
N SER A 267 23.18 12.08 -10.97
CA SER A 267 22.90 11.50 -9.67
C SER A 267 21.47 10.96 -9.67
N VAL A 268 20.51 11.79 -10.08
CA VAL A 268 19.10 11.40 -10.13
C VAL A 268 18.95 10.12 -10.96
N ASN A 269 19.53 10.14 -12.16
CA ASN A 269 19.46 9.00 -13.06
C ASN A 269 19.95 7.74 -12.39
N SER A 270 20.99 7.85 -11.57
CA SER A 270 21.55 6.68 -10.88
C SER A 270 20.56 6.12 -9.85
N ILE A 271 19.83 7.01 -9.19
CA ILE A 271 18.85 6.60 -8.21
C ILE A 271 17.68 5.89 -8.90
N GLN A 272 17.21 6.46 -10.01
CA GLN A 272 16.09 5.90 -10.74
C GLN A 272 16.33 4.47 -11.21
N LYS A 273 17.56 4.16 -11.60
CA LYS A 273 17.85 2.82 -12.08
C LYS A 273 18.24 1.85 -10.98
N SER A 274 18.62 2.38 -9.81
CA SER A 274 19.05 1.52 -8.71
C SER A 274 18.04 0.42 -8.38
N ILE A 275 18.54 -0.81 -8.23
CA ILE A 275 17.68 -1.96 -7.93
C ILE A 275 16.69 -1.58 -6.84
N PHE A 276 17.16 -0.80 -5.88
CA PHE A 276 16.33 -0.31 -4.78
C PHE A 276 17.15 0.59 -3.86
N THR A 277 16.49 1.26 -2.93
CA THR A 277 17.20 2.14 -2.03
C THR A 277 17.14 1.67 -0.58
N VAL A 278 18.26 1.89 0.13
CA VAL A 278 18.39 1.52 1.53
C VAL A 278 18.72 2.80 2.30
N CYS A 279 17.96 3.08 3.35
CA CYS A 279 18.14 4.28 4.16
C CYS A 279 18.72 3.97 5.53
N LEU A 280 19.90 4.49 5.80
CA LEU A 280 20.56 4.29 7.08
C LEU A 280 20.23 5.51 7.93
N ASP A 281 19.12 5.47 8.65
CA ASP A 281 18.67 6.60 9.47
C ASP A 281 19.60 6.96 10.63
N LYS A 282 19.53 8.23 11.04
CA LYS A 282 20.32 8.78 12.15
C LYS A 282 19.55 8.66 13.47
N GLN A 283 20.28 8.80 14.58
CA GLN A 283 19.66 8.73 15.89
C GLN A 283 18.65 9.86 16.06
N VAL A 284 17.51 9.54 16.67
CA VAL A 284 16.45 10.50 16.92
C VAL A 284 16.19 10.57 18.42
N PRO A 285 15.58 11.67 18.90
CA PRO A 285 15.32 11.80 20.34
C PRO A 285 14.56 10.59 20.88
N ARG A 286 14.52 10.46 22.20
CA ARG A 286 13.81 9.36 22.82
C ARG A 286 12.39 9.81 23.15
N VAL A 287 11.45 8.87 23.11
CA VAL A 287 10.07 9.20 23.42
C VAL A 287 9.52 8.19 24.41
N SER A 288 8.46 8.57 25.13
CA SER A 288 7.85 7.68 26.09
C SER A 288 7.44 6.38 25.38
N ASP A 289 7.62 5.26 26.07
CA ASP A 289 7.29 3.95 25.53
C ASP A 289 5.90 3.82 24.88
N ASP A 290 4.87 4.32 25.55
CA ASP A 290 3.50 4.21 25.03
C ASP A 290 3.23 4.90 23.69
N VAL A 291 4.23 5.59 23.16
CA VAL A 291 4.07 6.25 21.87
C VAL A 291 5.25 5.88 20.98
N TYR A 292 6.04 4.92 21.45
CA TYR A 292 7.22 4.47 20.71
C TYR A 292 6.90 3.83 19.35
N ARG A 293 5.98 2.88 19.34
CA ARG A 293 5.61 2.23 18.09
C ARG A 293 5.03 3.28 17.13
N ASN A 294 4.18 4.17 17.65
CA ASN A 294 3.57 5.22 16.82
C ASN A 294 4.63 6.02 16.04
N HIS A 295 5.68 6.43 16.75
CA HIS A 295 6.76 7.20 16.13
C HIS A 295 7.54 6.40 15.11
N VAL A 296 7.85 5.14 15.44
CA VAL A 296 8.58 4.28 14.53
C VAL A 296 7.80 4.20 13.21
N ALA A 297 6.49 4.02 13.31
CA ALA A 297 5.65 3.95 12.12
C ALA A 297 5.81 5.25 11.37
N GLY A 298 5.75 6.35 12.10
CA GLY A 298 5.92 7.65 11.48
C GLY A 298 7.23 7.74 10.70
N GLN A 299 8.30 7.17 11.26
CA GLN A 299 9.62 7.20 10.61
C GLN A 299 9.60 6.40 9.31
N MET A 300 8.86 5.30 9.31
CA MET A 300 8.77 4.45 8.13
C MET A 300 7.81 5.04 7.10
N LEU A 301 6.69 5.56 7.59
CA LEU A 301 5.71 6.15 6.70
C LEU A 301 6.26 7.40 6.06
N HIS A 302 6.56 8.41 6.88
CA HIS A 302 7.06 9.68 6.36
C HIS A 302 8.50 10.06 6.73
N GLY A 303 9.04 9.50 7.80
CA GLY A 303 10.40 9.84 8.15
C GLY A 303 10.55 10.71 9.38
N GLY A 304 9.44 11.28 9.86
CA GLY A 304 9.49 12.10 11.05
C GLY A 304 9.63 13.60 10.86
N GLY A 305 10.09 14.02 9.69
CA GLY A 305 10.25 15.44 9.45
C GLY A 305 11.64 15.87 9.00
N SER A 306 11.79 17.16 8.76
CA SER A 306 13.04 17.80 8.30
C SER A 306 14.28 17.62 9.19
N LYS A 307 14.08 17.60 10.50
CA LYS A 307 15.21 17.45 11.41
C LYS A 307 15.59 15.99 11.64
N PHE A 308 14.62 15.10 11.43
CA PHE A 308 14.86 13.68 11.64
C PHE A 308 15.37 12.97 10.40
N ASN A 309 14.60 12.05 9.85
CA ASN A 309 15.09 11.31 8.69
C ASN A 309 14.36 11.50 7.37
N SER A 310 13.46 12.47 7.29
CA SER A 310 12.72 12.71 6.05
C SER A 310 13.64 13.06 4.88
N GLY A 311 14.73 13.75 5.17
CA GLY A 311 15.64 14.11 4.10
C GLY A 311 16.50 12.94 3.69
N ASN A 312 16.36 11.84 4.43
CA ASN A 312 17.13 10.62 4.18
C ASN A 312 16.26 9.66 3.37
N ARG A 313 15.59 10.20 2.35
CA ARG A 313 14.69 9.42 1.52
C ARG A 313 14.64 9.92 0.08
N TRP A 314 14.13 9.08 -0.80
CA TRP A 314 13.90 9.44 -2.20
C TRP A 314 12.57 8.77 -2.43
N PHE A 315 11.49 9.47 -2.09
CA PHE A 315 10.15 8.92 -2.19
C PHE A 315 9.61 8.48 -3.54
N ASP A 316 10.31 8.82 -4.62
CA ASP A 316 9.87 8.38 -5.95
C ASP A 316 10.33 6.93 -6.11
N LYS A 317 11.30 6.52 -5.30
CA LYS A 317 11.84 5.16 -5.40
C LYS A 317 10.79 4.11 -5.02
N THR A 318 10.61 3.12 -5.91
CA THR A 318 9.63 2.07 -5.68
C THR A 318 9.84 1.33 -4.36
N LEU A 319 11.08 0.93 -4.07
CA LEU A 319 11.37 0.24 -2.83
C LEU A 319 12.39 0.96 -1.96
N GLN A 320 11.99 1.33 -0.74
CA GLN A 320 12.90 1.98 0.20
C GLN A 320 12.93 1.18 1.50
N PHE A 321 14.07 0.55 1.79
CA PHE A 321 14.22 -0.21 3.03
C PHE A 321 14.92 0.70 4.04
N ILE A 322 14.30 0.82 5.21
CA ILE A 322 14.77 1.69 6.28
C ILE A 322 15.30 0.91 7.46
N VAL A 323 16.53 1.21 7.87
CA VAL A 323 17.15 0.54 9.00
C VAL A 323 17.42 1.64 10.03
N ALA A 324 16.66 1.64 11.11
CA ALA A 324 16.80 2.65 12.15
C ALA A 324 18.06 2.49 12.98
N GLU A 325 18.43 3.56 13.68
CA GLU A 325 19.61 3.57 14.52
C GLU A 325 19.38 2.82 15.83
N ASP A 326 18.12 2.68 16.26
CA ASP A 326 17.83 2.01 17.51
C ASP A 326 17.37 0.55 17.38
N GLY A 327 17.56 -0.02 16.21
CA GLY A 327 17.16 -1.40 15.99
C GLY A 327 15.94 -1.55 15.11
N SER A 328 15.05 -0.57 15.13
CA SER A 328 13.85 -0.67 14.31
C SER A 328 14.24 -0.72 12.85
N CYS A 329 13.27 -1.10 12.02
CA CYS A 329 13.46 -1.18 10.58
C CYS A 329 12.09 -1.38 9.95
N GLY A 330 12.00 -1.08 8.66
CA GLY A 330 10.76 -1.22 7.94
C GLY A 330 10.98 -0.78 6.51
N MET A 331 9.92 -0.44 5.82
CA MET A 331 10.10 -0.01 4.46
C MET A 331 8.94 0.88 4.06
N VAL A 332 9.05 1.42 2.85
CA VAL A 332 8.02 2.28 2.29
C VAL A 332 8.14 2.12 0.79
N TYR A 333 7.01 1.80 0.14
CA TYR A 333 7.02 1.61 -1.29
C TYR A 333 6.09 2.59 -2.00
N GLU A 334 6.48 2.99 -3.20
CA GLU A 334 5.69 3.93 -3.99
C GLU A 334 4.68 3.09 -4.72
N HIS A 335 3.41 3.41 -4.51
CA HIS A 335 2.30 2.65 -5.09
C HIS A 335 2.19 2.58 -6.61
N ALA A 336 2.73 3.55 -7.34
CA ALA A 336 2.63 3.53 -8.79
C ALA A 336 2.98 2.17 -9.38
N ALA A 337 4.17 1.68 -9.06
CA ALA A 337 4.60 0.40 -9.61
C ALA A 337 4.64 -0.73 -8.59
N ALA A 338 4.14 -0.49 -7.39
CA ALA A 338 4.14 -1.53 -6.37
C ALA A 338 2.75 -1.84 -5.84
N GLU A 339 2.45 -3.12 -5.72
CA GLU A 339 1.17 -3.59 -5.20
C GLU A 339 1.50 -4.38 -3.94
N GLY A 340 0.49 -4.74 -3.15
CA GLY A 340 0.74 -5.46 -1.92
C GLY A 340 1.45 -6.82 -1.98
N PRO A 341 0.83 -7.83 -2.64
CA PRO A 341 1.38 -9.18 -2.78
C PRO A 341 2.90 -9.33 -2.90
N PRO A 342 3.52 -8.70 -3.92
CA PRO A 342 4.97 -8.79 -4.10
C PRO A 342 5.71 -8.37 -2.84
N ILE A 343 5.33 -7.23 -2.31
CA ILE A 343 5.95 -6.69 -1.11
C ILE A 343 5.89 -7.70 0.03
N VAL A 344 4.71 -8.26 0.27
CA VAL A 344 4.53 -9.24 1.33
C VAL A 344 5.46 -10.42 1.11
N ALA A 345 5.49 -10.94 -0.12
CA ALA A 345 6.36 -12.06 -0.46
C ALA A 345 7.83 -11.72 -0.20
N LEU A 346 8.25 -10.56 -0.68
CA LEU A 346 9.62 -10.11 -0.51
C LEU A 346 9.95 -9.99 0.98
N VAL A 347 9.01 -9.42 1.74
CA VAL A 347 9.22 -9.23 3.16
C VAL A 347 9.46 -10.55 3.86
N ASP A 348 8.50 -11.46 3.73
CA ASP A 348 8.62 -12.77 4.37
C ASP A 348 9.93 -13.47 3.99
N HIS A 349 10.23 -13.50 2.69
CA HIS A 349 11.45 -14.15 2.24
C HIS A 349 12.74 -13.49 2.70
N VAL A 350 12.74 -12.17 2.79
CA VAL A 350 13.92 -11.47 3.25
C VAL A 350 14.13 -11.65 4.76
N MET A 351 13.11 -11.34 5.54
CA MET A 351 13.21 -11.47 6.99
C MET A 351 13.68 -12.86 7.36
N GLU A 352 13.16 -13.87 6.68
CA GLU A 352 13.58 -15.25 6.96
C GLU A 352 15.05 -15.44 6.58
N TYR A 353 15.46 -14.87 5.45
CA TYR A 353 16.83 -15.01 5.00
C TYR A 353 17.84 -14.38 5.97
N THR A 354 17.46 -13.25 6.57
CA THR A 354 18.36 -12.58 7.52
C THR A 354 18.56 -13.38 8.81
N LYS A 355 17.94 -14.56 8.87
CA LYS A 355 18.06 -15.44 10.04
C LYS A 355 18.89 -16.67 9.66
N LYS A 356 18.82 -17.08 8.39
CA LYS A 356 19.57 -18.23 7.90
C LYS A 356 21.06 -18.04 8.16
N PRO A 357 21.69 -18.98 8.87
CA PRO A 357 23.13 -18.92 9.18
C PRO A 357 23.98 -18.78 7.93
N GLU A 358 24.92 -17.83 7.94
CA GLU A 358 25.81 -17.58 6.81
C GLU A 358 26.75 -18.73 6.46
N LEU A 359 27.83 -18.39 5.76
CA LEU A 359 28.86 -19.35 5.35
C LEU A 359 30.22 -18.74 5.67
N VAL A 360 31.29 -19.55 5.63
CA VAL A 360 32.63 -19.05 5.94
C VAL A 360 33.01 -17.89 5.02
N ARG A 361 33.44 -16.79 5.63
CA ARG A 361 33.82 -15.58 4.91
C ARG A 361 34.59 -15.81 3.62
N SER A 362 33.98 -15.44 2.50
CA SER A 362 34.63 -15.60 1.19
C SER A 362 35.86 -14.71 1.21
N PRO A 363 37.08 -15.30 1.12
CA PRO A 363 38.30 -14.50 1.13
C PRO A 363 38.02 -13.16 0.46
N MET A 364 38.39 -12.07 1.12
CA MET A 364 38.13 -10.75 0.57
C MET A 364 38.98 -10.41 -0.65
N VAL A 365 38.31 -9.84 -1.64
CA VAL A 365 38.93 -9.42 -2.88
C VAL A 365 38.84 -7.90 -2.94
N PRO A 366 39.73 -7.27 -3.74
CA PRO A 366 39.71 -5.81 -3.85
C PRO A 366 38.32 -5.24 -4.13
N LEU A 367 37.90 -4.27 -3.32
CA LEU A 367 36.59 -3.65 -3.49
C LEU A 367 36.69 -2.14 -3.69
N PRO A 368 36.07 -1.62 -4.76
CA PRO A 368 36.05 -0.20 -5.14
C PRO A 368 35.33 0.71 -4.15
N MET A 369 35.43 2.01 -4.37
CA MET A 369 34.78 2.98 -3.52
C MET A 369 33.41 3.35 -4.09
N PRO A 370 32.34 3.13 -3.30
CA PRO A 370 30.97 3.44 -3.72
C PRO A 370 30.88 4.89 -4.17
N LYS A 371 30.43 5.09 -5.42
CA LYS A 371 30.30 6.41 -6.00
C LYS A 371 29.29 7.31 -5.28
N LYS A 372 29.75 8.48 -4.87
CA LYS A 372 28.88 9.44 -4.20
C LYS A 372 28.15 10.26 -5.26
N LEU A 373 26.83 10.33 -5.14
CA LEU A 373 26.02 11.09 -6.08
C LEU A 373 25.85 12.51 -5.56
N ARG A 374 26.72 13.40 -6.02
CA ARG A 374 26.70 14.81 -5.60
C ARG A 374 25.51 15.57 -6.17
N PHE A 375 25.15 16.65 -5.47
CA PHE A 375 24.06 17.52 -5.93
C PHE A 375 24.51 18.97 -5.85
N ASN A 376 24.61 19.61 -7.00
CA ASN A 376 25.01 21.00 -7.06
C ASN A 376 23.80 21.82 -6.63
N ILE A 377 23.98 22.59 -5.58
CA ILE A 377 22.89 23.41 -5.05
C ILE A 377 22.92 24.81 -5.62
N THR A 378 21.73 25.31 -5.95
CA THR A 378 21.55 26.67 -6.46
C THR A 378 20.55 27.35 -5.53
N PRO A 379 20.44 28.68 -5.61
CA PRO A 379 19.49 29.37 -4.74
C PRO A 379 18.05 28.89 -5.01
N GLU A 380 17.79 28.43 -6.22
CA GLU A 380 16.45 27.95 -6.52
C GLU A 380 16.26 26.53 -5.98
N ILE A 381 17.26 25.68 -6.16
CA ILE A 381 17.15 24.32 -5.64
C ILE A 381 16.98 24.40 -4.12
N LYS A 382 17.73 25.31 -3.49
CA LYS A 382 17.66 25.49 -2.05
C LYS A 382 16.32 26.04 -1.59
N ASN A 383 15.70 26.88 -2.41
CA ASN A 383 14.42 27.41 -2.01
C ASN A 383 13.36 26.31 -2.07
N ASP A 384 13.45 25.44 -3.07
CA ASP A 384 12.46 24.37 -3.17
C ASP A 384 12.56 23.45 -1.97
N ILE A 385 13.80 23.17 -1.56
CA ILE A 385 14.05 22.32 -0.40
C ILE A 385 13.42 22.91 0.86
N GLU A 386 13.58 24.22 1.07
CA GLU A 386 13.00 24.89 2.23
C GLU A 386 11.49 24.80 2.14
N LYS A 387 10.97 24.88 0.91
CA LYS A 387 9.54 24.79 0.71
C LYS A 387 9.08 23.37 0.99
N ALA A 388 9.90 22.40 0.60
CA ALA A 388 9.55 21.00 0.85
C ALA A 388 9.56 20.70 2.34
N LYS A 389 10.52 21.25 3.08
CA LYS A 389 10.58 21.02 4.52
C LYS A 389 9.27 21.50 5.12
N GLN A 390 8.91 22.73 4.80
CA GLN A 390 7.68 23.37 5.27
C GLN A 390 6.42 22.60 4.90
N ASN A 391 6.35 22.11 3.67
CA ASN A 391 5.17 21.35 3.29
C ASN A 391 5.04 20.07 4.10
N LEU A 392 6.12 19.27 4.11
CA LEU A 392 6.13 18.00 4.82
C LEU A 392 5.80 18.22 6.29
N SER A 393 6.38 19.25 6.87
CA SER A 393 6.16 19.55 8.27
C SER A 393 4.66 19.67 8.55
N ILE A 394 3.96 20.41 7.69
CA ILE A 394 2.53 20.58 7.86
C ILE A 394 1.89 19.19 7.82
N MET A 395 2.22 18.42 6.79
CA MET A 395 1.69 17.07 6.62
C MET A 395 1.79 16.24 7.89
N ILE A 396 3.00 16.09 8.41
CA ILE A 396 3.24 15.29 9.60
C ILE A 396 2.45 15.78 10.80
N GLN A 397 2.35 17.09 10.93
CA GLN A 397 1.61 17.68 12.03
C GLN A 397 0.12 17.38 11.93
N ASP A 398 -0.33 17.06 10.72
CA ASP A 398 -1.75 16.78 10.56
C ASP A 398 -2.09 15.31 10.65
N LEU A 399 -1.09 14.44 10.56
CA LEU A 399 -1.33 12.99 10.61
C LEU A 399 -1.49 12.42 12.03
N ASP A 400 -2.61 11.76 12.27
CA ASP A 400 -2.88 11.16 13.57
C ASP A 400 -2.86 9.63 13.45
N ILE A 401 -1.82 9.02 14.04
CA ILE A 401 -1.62 7.58 14.00
C ILE A 401 -1.64 6.92 15.35
N MET A 402 -2.28 5.76 15.42
CA MET A 402 -2.37 4.97 16.64
C MET A 402 -2.16 3.53 16.20
N MET A 403 -1.07 2.92 16.66
CA MET A 403 -0.74 1.54 16.34
C MET A 403 -1.30 0.64 17.43
N LEU A 404 -2.25 -0.22 17.09
CA LEU A 404 -2.83 -1.12 18.08
C LEU A 404 -2.40 -2.57 17.91
N THR A 405 -1.88 -3.14 18.99
CA THR A 405 -1.48 -4.55 19.00
C THR A 405 -2.58 -5.28 19.76
N PHE A 406 -3.41 -6.01 19.01
CA PHE A 406 -4.52 -6.75 19.58
C PHE A 406 -4.01 -8.09 20.05
N HIS A 407 -3.64 -8.17 21.33
CA HIS A 407 -3.11 -9.39 21.92
C HIS A 407 -4.15 -10.46 22.25
N HIS A 408 -5.41 -10.03 22.42
CA HIS A 408 -6.53 -10.91 22.77
C HIS A 408 -6.71 -12.20 21.96
N PHE A 409 -6.52 -12.11 20.65
CA PHE A 409 -6.63 -13.27 19.78
C PHE A 409 -6.26 -12.85 18.37
N GLY A 410 -6.20 -13.80 17.45
CA GLY A 410 -5.87 -13.47 16.08
C GLY A 410 -6.75 -14.27 15.14
N LYS A 411 -6.15 -15.12 14.32
CA LYS A 411 -6.94 -15.93 13.41
C LYS A 411 -7.51 -17.15 14.13
N ASP A 412 -6.85 -17.59 15.20
CA ASP A 412 -7.33 -18.76 15.91
C ASP A 412 -8.80 -18.69 16.28
N PHE A 413 -9.23 -17.64 16.96
CA PHE A 413 -10.63 -17.57 17.36
C PHE A 413 -11.58 -17.66 16.16
N PRO A 414 -11.54 -16.69 15.24
CA PRO A 414 -12.44 -16.75 14.09
C PRO A 414 -12.47 -18.12 13.41
N LYS A 415 -11.28 -18.72 13.21
CA LYS A 415 -11.17 -20.02 12.57
C LYS A 415 -11.76 -21.17 13.38
N SER A 416 -11.75 -21.03 14.70
CA SER A 416 -12.29 -22.07 15.55
C SER A 416 -13.80 -21.98 15.46
N GLU A 417 -14.29 -20.81 15.02
CA GLU A 417 -15.72 -20.55 14.88
C GLU A 417 -16.16 -20.79 13.44
N LYS A 418 -15.26 -21.31 12.62
CA LYS A 418 -15.55 -21.58 11.22
C LYS A 418 -15.89 -20.28 10.50
N LEU A 419 -15.16 -19.21 10.84
CA LEU A 419 -15.37 -17.90 10.23
C LEU A 419 -14.07 -17.32 9.62
N SER A 420 -14.20 -16.62 8.50
CA SER A 420 -13.01 -16.02 7.88
C SER A 420 -12.56 -14.89 8.80
N PRO A 421 -11.27 -14.89 9.18
CA PRO A 421 -10.71 -13.87 10.07
C PRO A 421 -10.80 -12.47 9.47
N ASP A 422 -10.56 -12.36 8.17
CA ASP A 422 -10.62 -11.07 7.49
C ASP A 422 -12.04 -10.54 7.53
N ALA A 423 -13.00 -11.36 7.09
CA ALA A 423 -14.39 -10.93 7.13
C ALA A 423 -14.75 -10.50 8.54
N PHE A 424 -14.33 -11.30 9.53
CA PHE A 424 -14.60 -11.00 10.94
C PHE A 424 -14.09 -9.62 11.34
N ILE A 425 -12.82 -9.37 11.07
CA ILE A 425 -12.22 -8.08 11.40
C ILE A 425 -12.97 -6.95 10.71
N GLN A 426 -13.25 -7.12 9.42
CA GLN A 426 -13.96 -6.09 8.68
C GLN A 426 -15.33 -5.77 9.32
N VAL A 427 -16.05 -6.82 9.72
CA VAL A 427 -17.35 -6.64 10.37
C VAL A 427 -17.16 -5.98 11.73
N ALA A 428 -16.07 -6.29 12.42
CA ALA A 428 -15.85 -5.67 13.73
C ALA A 428 -15.69 -4.17 13.51
N LEU A 429 -14.95 -3.82 12.46
CA LEU A 429 -14.69 -2.41 12.14
C LEU A 429 -15.98 -1.68 11.87
N GLN A 430 -16.93 -2.35 11.23
CA GLN A 430 -18.21 -1.75 10.93
C GLN A 430 -18.94 -1.50 12.24
N LEU A 431 -18.82 -2.46 13.17
CA LEU A 431 -19.45 -2.36 14.47
C LEU A 431 -18.83 -1.20 15.23
N ALA A 432 -17.53 -1.03 15.10
CA ALA A 432 -16.85 0.05 15.78
C ALA A 432 -17.23 1.43 15.25
N TYR A 433 -17.25 1.58 13.92
CA TYR A 433 -17.60 2.86 13.32
C TYR A 433 -19.00 3.29 13.75
N TYR A 434 -19.97 2.40 13.58
CA TYR A 434 -21.36 2.68 13.93
C TYR A 434 -21.52 3.11 15.38
N ARG A 435 -20.80 2.42 16.26
CA ARG A 435 -20.86 2.74 17.68
C ARG A 435 -20.38 4.16 17.96
N ILE A 436 -19.43 4.65 17.17
CA ILE A 436 -18.92 6.00 17.37
C ILE A 436 -19.81 7.05 16.69
N TYR A 437 -20.14 6.83 15.42
CA TYR A 437 -20.95 7.79 14.65
C TYR A 437 -22.44 7.54 14.48
N GLY A 438 -22.92 6.36 14.87
CA GLY A 438 -24.35 6.09 14.76
C GLY A 438 -24.88 5.85 13.36
N GLN A 439 -23.98 5.64 12.40
CA GLN A 439 -24.37 5.37 11.03
C GLN A 439 -23.22 4.67 10.36
N ALA A 440 -23.48 4.07 9.21
CA ALA A 440 -22.44 3.37 8.46
C ALA A 440 -21.79 4.35 7.50
N CYS A 441 -20.75 3.93 6.82
CA CYS A 441 -20.10 4.80 5.85
C CYS A 441 -19.44 3.99 4.73
N ALA A 442 -19.26 4.65 3.60
CA ALA A 442 -18.61 4.01 2.47
C ALA A 442 -17.29 3.47 3.00
N THR A 443 -17.10 2.17 2.80
CA THR A 443 -15.89 1.50 3.23
C THR A 443 -15.30 0.76 2.05
N TYR A 444 -13.97 0.74 2.02
CA TYR A 444 -13.21 0.13 0.95
C TYR A 444 -12.23 -0.86 1.57
N GLU A 445 -12.08 -2.01 0.94
CA GLU A 445 -11.13 -3.03 1.36
C GLU A 445 -10.52 -3.61 0.10
N SER A 446 -9.20 -3.45 -0.04
CA SER A 446 -8.47 -3.96 -1.20
C SER A 446 -8.71 -5.44 -1.48
N ALA A 447 -9.05 -5.75 -2.72
CA ALA A 447 -9.25 -7.13 -3.15
C ALA A 447 -8.25 -7.36 -4.28
N SER A 448 -7.56 -8.49 -4.25
CA SER A 448 -6.57 -8.80 -5.27
C SER A 448 -7.17 -9.40 -6.55
N LEU A 449 -6.93 -8.75 -7.67
CA LEU A 449 -7.44 -9.22 -8.96
C LEU A 449 -6.40 -10.09 -9.63
N ARG A 450 -5.48 -10.62 -8.85
CA ARG A 450 -4.42 -11.44 -9.43
C ARG A 450 -4.83 -12.72 -10.16
N MET A 451 -6.09 -13.14 -10.08
CA MET A 451 -6.44 -14.34 -10.82
C MET A 451 -6.46 -14.02 -12.31
N PHE A 452 -6.38 -12.73 -12.64
CA PHE A 452 -6.41 -12.32 -14.04
C PHE A 452 -5.12 -11.63 -14.47
N HIS A 453 -4.76 -11.82 -15.73
CA HIS A 453 -3.52 -11.24 -16.26
C HIS A 453 -3.38 -9.76 -15.94
N LEU A 454 -2.28 -9.42 -15.26
CA LEU A 454 -1.96 -8.04 -14.90
C LEU A 454 -2.93 -7.41 -13.91
N GLY A 455 -3.73 -8.24 -13.26
CA GLY A 455 -4.68 -7.72 -12.30
C GLY A 455 -4.01 -7.13 -11.08
N ARG A 456 -4.50 -5.99 -10.64
CA ARG A 456 -3.96 -5.35 -9.44
C ARG A 456 -5.02 -5.51 -8.35
N THR A 457 -5.97 -4.58 -8.30
CA THR A 457 -6.99 -4.62 -7.26
C THR A 457 -8.42 -4.23 -7.68
N ASP A 458 -9.38 -4.62 -6.85
CA ASP A 458 -10.77 -4.26 -7.07
C ASP A 458 -11.30 -3.90 -5.68
N THR A 459 -12.51 -3.37 -5.59
CA THR A 459 -13.05 -2.98 -4.29
C THR A 459 -14.04 -3.90 -3.62
N ILE A 460 -13.79 -4.22 -2.35
CA ILE A 460 -14.74 -5.00 -1.56
C ILE A 460 -15.38 -3.93 -0.68
N ARG A 461 -16.70 -3.79 -0.73
CA ARG A 461 -17.40 -2.82 0.09
C ARG A 461 -17.89 -3.46 1.38
N SER A 462 -17.24 -3.07 2.47
CA SER A 462 -17.55 -3.63 3.79
C SER A 462 -18.89 -3.18 4.36
N ALA A 463 -19.37 -2.01 3.94
CA ALA A 463 -20.66 -1.50 4.42
C ALA A 463 -21.73 -2.15 3.56
N SER A 464 -22.49 -3.08 4.15
CA SER A 464 -23.52 -3.78 3.41
C SER A 464 -24.83 -3.80 4.15
N ILE A 465 -25.86 -4.30 3.47
CA ILE A 465 -27.17 -4.40 4.06
C ILE A 465 -27.09 -5.21 5.33
N ASP A 466 -26.41 -6.37 5.24
CA ASP A 466 -26.28 -7.26 6.38
C ASP A 466 -25.42 -6.71 7.51
N SER A 467 -24.36 -5.99 7.18
CA SER A 467 -23.49 -5.41 8.21
C SER A 467 -24.24 -4.35 9.03
N LEU A 468 -24.95 -3.44 8.36
CA LEU A 468 -25.71 -2.41 9.06
C LEU A 468 -26.79 -3.08 9.92
N ALA A 469 -27.44 -4.11 9.38
CA ALA A 469 -28.45 -4.83 10.15
C ALA A 469 -27.77 -5.34 11.43
N PHE A 470 -26.57 -5.90 11.29
CA PHE A 470 -25.84 -6.41 12.45
C PHE A 470 -25.46 -5.34 13.46
N VAL A 471 -24.97 -4.20 13.00
CA VAL A 471 -24.59 -3.14 13.93
C VAL A 471 -25.77 -2.50 14.63
N LYS A 472 -26.88 -2.34 13.92
CA LYS A 472 -28.06 -1.74 14.55
C LYS A 472 -28.53 -2.71 15.61
N GLY A 473 -28.83 -3.93 15.20
CA GLY A 473 -29.29 -4.95 16.12
C GLY A 473 -28.35 -5.13 17.29
N MET A 474 -27.06 -5.22 16.99
CA MET A 474 -26.06 -5.41 18.02
C MET A 474 -26.28 -4.45 19.18
N GLY A 475 -26.61 -3.20 18.87
CA GLY A 475 -26.82 -2.21 19.92
C GLY A 475 -28.28 -1.97 20.31
N ASP A 476 -29.20 -2.72 19.69
CA ASP A 476 -30.62 -2.58 19.98
C ASP A 476 -31.02 -3.42 21.20
N SER A 477 -31.41 -2.75 22.29
CA SER A 477 -31.83 -3.44 23.52
C SER A 477 -32.99 -4.42 23.31
N THR A 478 -33.81 -4.20 22.29
CA THR A 478 -34.95 -5.07 22.05
C THR A 478 -34.57 -6.39 21.35
N VAL A 479 -33.66 -6.31 20.39
CA VAL A 479 -33.18 -7.49 19.66
C VAL A 479 -32.40 -8.45 20.58
N PRO A 480 -32.89 -9.69 20.71
CA PRO A 480 -32.30 -10.75 21.54
C PRO A 480 -30.87 -11.13 21.16
N GLU A 481 -30.06 -11.44 22.17
CA GLU A 481 -28.67 -11.85 21.93
C GLU A 481 -28.63 -12.90 20.83
N GLN A 482 -29.42 -13.94 20.98
CA GLN A 482 -29.45 -15.00 19.98
C GLN A 482 -29.67 -14.43 18.57
N GLN A 483 -30.54 -13.44 18.44
CA GLN A 483 -30.79 -12.87 17.13
C GLN A 483 -29.56 -12.07 16.73
N LYS A 484 -28.93 -11.41 17.70
CA LYS A 484 -27.73 -10.62 17.43
C LYS A 484 -26.65 -11.54 16.85
N VAL A 485 -26.43 -12.69 17.48
CA VAL A 485 -25.41 -13.59 16.99
C VAL A 485 -25.70 -14.08 15.57
N GLU A 486 -26.98 -14.24 15.23
CA GLU A 486 -27.36 -14.68 13.89
C GLU A 486 -27.10 -13.56 12.90
N LEU A 487 -27.36 -12.31 13.31
CA LEU A 487 -27.12 -11.17 12.45
C LEU A 487 -25.62 -11.06 12.18
N LEU A 488 -24.83 -11.40 13.21
CA LEU A 488 -23.37 -11.35 13.13
C LEU A 488 -22.87 -12.38 12.12
N ARG A 489 -23.35 -13.63 12.25
CA ARG A 489 -22.93 -14.68 11.34
C ARG A 489 -23.29 -14.34 9.89
N LYS A 490 -24.44 -13.70 9.69
CA LYS A 490 -24.90 -13.30 8.36
C LYS A 490 -23.97 -12.20 7.83
N ALA A 491 -23.64 -11.24 8.68
CA ALA A 491 -22.78 -10.14 8.29
C ALA A 491 -21.40 -10.63 7.87
N VAL A 492 -20.85 -11.59 8.61
CA VAL A 492 -19.53 -12.11 8.29
C VAL A 492 -19.57 -12.82 6.94
N GLN A 493 -20.50 -13.77 6.79
CA GLN A 493 -20.64 -14.55 5.56
C GLN A 493 -20.90 -13.67 4.34
N ALA A 494 -21.72 -12.64 4.49
CA ALA A 494 -22.02 -11.74 3.38
C ALA A 494 -20.71 -11.14 2.88
N HIS A 495 -19.88 -10.72 3.82
CA HIS A 495 -18.60 -10.10 3.53
C HIS A 495 -17.66 -11.06 2.82
N ARG A 496 -17.58 -12.29 3.31
CA ARG A 496 -16.70 -13.28 2.72
C ARG A 496 -17.11 -13.52 1.27
N ALA A 497 -18.41 -13.64 1.05
CA ALA A 497 -18.93 -13.88 -0.30
C ALA A 497 -18.49 -12.76 -1.24
N TYR A 498 -18.65 -11.52 -0.79
CA TYR A 498 -18.27 -10.34 -1.55
C TYR A 498 -16.78 -10.39 -1.86
N THR A 499 -16.00 -10.79 -0.86
CA THR A 499 -14.55 -10.94 -1.02
C THR A 499 -14.23 -11.93 -2.13
N ASP A 500 -14.86 -13.10 -2.08
CA ASP A 500 -14.62 -14.12 -3.08
C ASP A 500 -15.08 -13.62 -4.44
N ARG A 501 -16.22 -12.92 -4.48
CA ARG A 501 -16.74 -12.38 -5.73
C ARG A 501 -15.75 -11.39 -6.35
N ALA A 502 -15.32 -10.42 -5.56
CA ALA A 502 -14.39 -9.42 -6.04
C ALA A 502 -13.13 -10.06 -6.61
N ILE A 503 -12.70 -11.15 -5.98
CA ILE A 503 -11.51 -11.85 -6.42
C ILE A 503 -11.71 -12.54 -7.78
N ARG A 504 -12.95 -12.90 -8.10
CA ARG A 504 -13.25 -13.56 -9.35
C ARG A 504 -13.67 -12.58 -10.43
N GLY A 505 -13.59 -11.29 -10.11
CA GLY A 505 -13.95 -10.26 -11.07
C GLY A 505 -15.43 -9.93 -11.11
N GLU A 506 -16.15 -10.35 -10.08
CA GLU A 506 -17.60 -10.10 -10.03
C GLU A 506 -17.93 -8.85 -9.21
N ALA A 507 -16.90 -8.13 -8.75
CA ALA A 507 -17.09 -6.90 -8.00
C ALA A 507 -17.55 -5.86 -9.02
N PHE A 508 -17.87 -4.65 -8.59
CA PHE A 508 -18.35 -3.64 -9.54
C PHE A 508 -17.59 -2.30 -9.62
N ASP A 509 -16.89 -1.92 -8.57
CA ASP A 509 -16.19 -0.64 -8.58
C ASP A 509 -15.28 -0.34 -9.77
N ARG A 510 -14.36 -1.25 -10.11
CA ARG A 510 -13.48 -1.00 -11.26
C ARG A 510 -14.32 -0.88 -12.50
N HIS A 511 -15.28 -1.79 -12.63
CA HIS A 511 -16.17 -1.79 -13.78
C HIS A 511 -16.93 -0.46 -13.92
N LEU A 512 -17.35 0.13 -12.81
CA LEU A 512 -18.06 1.41 -12.91
C LEU A 512 -17.06 2.48 -13.38
N LEU A 513 -15.87 2.47 -12.80
CA LEU A 513 -14.81 3.41 -13.18
C LEU A 513 -14.58 3.29 -14.71
N GLY A 514 -14.49 2.05 -15.19
CA GLY A 514 -14.28 1.81 -16.61
C GLY A 514 -15.33 2.43 -17.48
N LEU A 515 -16.60 2.24 -17.15
CA LEU A 515 -17.67 2.82 -17.95
C LEU A 515 -17.47 4.35 -18.02
N LYS A 516 -17.16 4.97 -16.89
CA LYS A 516 -16.94 6.41 -16.85
C LYS A 516 -15.77 6.82 -17.73
N LEU A 517 -14.65 6.11 -17.60
CA LEU A 517 -13.46 6.43 -18.38
C LEU A 517 -13.75 6.23 -19.86
N GLN A 518 -14.47 5.16 -20.17
CA GLN A 518 -14.81 4.84 -21.55
C GLN A 518 -15.60 6.00 -22.13
N ALA A 519 -16.53 6.53 -21.34
CA ALA A 519 -17.35 7.67 -21.78
C ALA A 519 -16.47 8.86 -22.11
N ILE A 520 -15.55 9.19 -21.21
CA ILE A 520 -14.65 10.32 -21.39
C ILE A 520 -13.87 10.13 -22.68
N GLU A 521 -13.26 8.95 -22.82
CA GLU A 521 -12.46 8.63 -23.98
C GLU A 521 -13.22 8.81 -25.29
N ASP A 522 -14.49 8.43 -25.30
CA ASP A 522 -15.32 8.57 -26.50
C ASP A 522 -15.90 9.97 -26.65
N LEU A 523 -15.51 10.86 -25.76
CA LEU A 523 -15.99 12.24 -25.80
C LEU A 523 -17.51 12.33 -25.77
N VAL A 524 -18.13 11.59 -24.84
CA VAL A 524 -19.58 11.60 -24.69
C VAL A 524 -19.88 12.35 -23.40
N SER A 525 -20.98 13.09 -23.35
CA SER A 525 -21.32 13.85 -22.15
C SER A 525 -21.31 12.95 -20.93
N MET A 526 -20.61 13.38 -19.88
CA MET A 526 -20.54 12.61 -18.64
C MET A 526 -21.94 12.12 -18.27
N PRO A 527 -22.11 10.80 -18.10
CA PRO A 527 -23.44 10.25 -17.74
C PRO A 527 -23.94 10.73 -16.38
N ASP A 528 -25.26 10.80 -16.24
CA ASP A 528 -25.90 11.23 -15.00
C ASP A 528 -25.49 10.33 -13.83
N ILE A 529 -25.51 9.03 -14.07
CA ILE A 529 -25.18 8.07 -13.03
C ILE A 529 -23.92 8.40 -12.24
N PHE A 530 -22.95 9.08 -12.89
CA PHE A 530 -21.69 9.45 -12.25
C PHE A 530 -21.70 10.81 -11.56
N MET A 531 -22.50 11.74 -12.07
CA MET A 531 -22.59 13.06 -11.46
C MET A 531 -23.52 13.01 -10.23
N ASP A 532 -24.23 11.90 -10.09
CA ASP A 532 -25.16 11.65 -8.98
C ASP A 532 -24.51 11.78 -7.60
N THR A 533 -25.20 12.45 -6.67
CA THR A 533 -24.71 12.60 -5.31
C THR A 533 -24.39 11.23 -4.69
N SER A 534 -25.21 10.24 -4.97
CA SER A 534 -24.99 8.90 -4.44
C SER A 534 -23.64 8.32 -4.87
N TYR A 535 -23.19 8.65 -6.07
CA TYR A 535 -21.91 8.12 -6.53
C TYR A 535 -20.78 8.87 -5.85
N ALA A 536 -21.04 10.11 -5.48
CA ALA A 536 -20.03 10.90 -4.80
C ALA A 536 -19.82 10.30 -3.42
N ILE A 537 -20.92 9.92 -2.76
CA ILE A 537 -20.86 9.33 -1.43
C ILE A 537 -20.26 7.94 -1.48
N ALA A 538 -20.65 7.17 -2.48
CA ALA A 538 -20.14 5.80 -2.62
C ALA A 538 -18.64 5.74 -2.90
N MET A 539 -18.06 6.81 -3.43
CA MET A 539 -16.63 6.82 -3.74
C MET A 539 -15.82 7.62 -2.74
N HIS A 540 -16.50 8.18 -1.74
CA HIS A 540 -15.86 8.97 -0.70
C HIS A 540 -15.70 8.02 0.49
N PHE A 541 -14.52 7.40 0.58
CA PHE A 541 -14.21 6.40 1.61
C PHE A 541 -13.72 6.84 2.97
N ASN A 542 -14.67 7.08 3.87
CA ASN A 542 -14.35 7.49 5.23
C ASN A 542 -13.52 6.42 5.94
N LEU A 543 -13.57 5.20 5.39
CA LEU A 543 -12.81 4.07 5.92
C LEU A 543 -12.10 3.43 4.74
N SER A 544 -10.78 3.46 4.77
CA SER A 544 -9.97 2.88 3.71
C SER A 544 -9.18 1.77 4.37
N THR A 545 -9.35 0.54 3.89
CA THR A 545 -8.66 -0.58 4.51
C THR A 545 -8.01 -1.58 3.58
N SER A 546 -7.09 -2.34 4.16
CA SER A 546 -6.41 -3.39 3.45
C SER A 546 -5.75 -4.31 4.47
N GLN A 547 -5.74 -5.59 4.16
CA GLN A 547 -5.12 -6.57 5.02
C GLN A 547 -3.73 -6.81 4.44
N VAL A 548 -2.79 -7.17 5.30
CA VAL A 548 -1.43 -7.51 4.89
C VAL A 548 -1.25 -8.90 5.51
N PRO A 549 -1.54 -9.95 4.72
CA PRO A 549 -1.43 -11.35 5.15
C PRO A 549 -0.01 -11.92 5.16
N ALA A 550 0.88 -11.31 5.92
CA ALA A 550 2.27 -11.74 5.99
C ALA A 550 2.59 -12.75 7.10
N LYS A 551 3.58 -13.60 6.83
CA LYS A 551 4.01 -14.59 7.82
C LYS A 551 4.87 -13.88 8.85
N THR A 552 5.51 -12.80 8.43
CA THR A 552 6.35 -11.99 9.29
C THR A 552 5.45 -11.17 10.19
N ASP A 553 5.81 -11.02 11.46
CA ASP A 553 5.00 -10.25 12.39
C ASP A 553 5.23 -8.76 12.14
N CYS A 554 4.72 -8.29 11.00
CA CYS A 554 4.87 -6.90 10.61
C CYS A 554 3.47 -6.27 10.42
N VAL A 555 3.44 -5.00 10.07
CA VAL A 555 2.19 -4.28 9.84
C VAL A 555 2.38 -3.10 8.88
N GLY A 556 1.32 -2.77 8.15
CA GLY A 556 1.39 -1.67 7.21
C GLY A 556 0.54 -0.52 7.70
N PHE A 557 0.70 0.63 7.06
CA PHE A 557 -0.07 1.82 7.43
C PHE A 557 -0.03 2.83 6.29
N PHE A 558 -1.00 3.73 6.28
CA PHE A 558 -1.09 4.73 5.24
C PHE A 558 -2.12 5.77 5.65
N GLY A 559 -2.07 6.94 5.04
CA GLY A 559 -3.01 7.97 5.39
C GLY A 559 -4.42 7.75 4.86
N PRO A 560 -5.42 8.37 5.50
CA PRO A 560 -6.82 8.26 5.08
C PRO A 560 -6.97 8.86 3.68
N VAL A 561 -7.83 8.27 2.85
CA VAL A 561 -8.04 8.75 1.51
C VAL A 561 -8.96 9.97 1.47
N VAL A 562 -9.50 10.35 2.62
CA VAL A 562 -10.37 11.53 2.69
C VAL A 562 -10.13 12.32 3.98
N PRO A 563 -10.26 13.65 3.91
CA PRO A 563 -10.06 14.52 5.07
C PRO A 563 -10.71 14.02 6.37
N ASP A 564 -11.99 13.66 6.27
CA ASP A 564 -12.74 13.17 7.41
C ASP A 564 -12.78 11.65 7.43
N GLY A 565 -11.64 11.02 7.14
CA GLY A 565 -11.59 9.57 7.10
C GLY A 565 -10.42 8.91 7.82
N TYR A 566 -10.44 7.57 7.85
CA TYR A 566 -9.41 6.79 8.51
C TYR A 566 -8.68 5.84 7.57
N GLY A 567 -7.43 5.53 7.90
CA GLY A 567 -6.65 4.58 7.14
C GLY A 567 -6.41 3.45 8.14
N ILE A 568 -6.89 2.25 7.84
CA ILE A 568 -6.73 1.11 8.74
C ILE A 568 -6.13 -0.08 7.99
N CYS A 569 -5.02 -0.57 8.52
CA CYS A 569 -4.31 -1.69 7.92
C CYS A 569 -3.98 -2.73 8.99
N TYR A 570 -4.14 -4.00 8.66
CA TYR A 570 -3.88 -5.02 9.65
C TYR A 570 -3.26 -6.31 9.12
N ASN A 571 -2.53 -6.99 10.00
CA ASN A 571 -1.91 -8.26 9.66
C ASN A 571 -2.42 -9.27 10.70
N PRO A 572 -3.28 -10.21 10.28
CA PRO A 572 -3.75 -11.16 11.28
C PRO A 572 -2.70 -12.24 11.50
N MET A 573 -2.29 -12.42 12.75
CA MET A 573 -1.31 -13.44 13.11
C MET A 573 -2.13 -14.51 13.81
N GLU A 574 -1.48 -15.59 14.25
CA GLU A 574 -2.25 -16.66 14.88
C GLU A 574 -2.96 -16.30 16.18
N ALA A 575 -2.24 -15.68 17.12
CA ALA A 575 -2.86 -15.38 18.40
C ALA A 575 -3.00 -13.90 18.72
N HIS A 576 -2.77 -13.06 17.72
CA HIS A 576 -2.93 -11.62 17.91
C HIS A 576 -3.06 -10.98 16.55
N ILE A 577 -3.33 -9.68 16.54
CA ILE A 577 -3.50 -8.93 15.29
C ILE A 577 -2.82 -7.57 15.38
N ASN A 578 -2.03 -7.24 14.37
CA ASN A 578 -1.32 -5.95 14.30
C ASN A 578 -2.17 -4.96 13.53
N PHE A 579 -2.54 -3.85 14.17
CA PHE A 579 -3.38 -2.83 13.54
C PHE A 579 -2.69 -1.48 13.44
N SER A 580 -3.02 -0.75 12.38
CA SER A 580 -2.51 0.59 12.23
C SER A 580 -3.78 1.37 11.95
N VAL A 581 -3.96 2.49 12.65
CA VAL A 581 -5.11 3.35 12.45
C VAL A 581 -4.60 4.77 12.26
N SER A 582 -4.99 5.40 11.15
CA SER A 582 -4.57 6.76 10.87
C SER A 582 -5.74 7.67 10.58
N ALA A 583 -5.59 8.95 10.93
CA ALA A 583 -6.60 9.99 10.73
C ALA A 583 -5.92 11.36 10.60
N TYR A 584 -6.69 12.37 10.21
CA TYR A 584 -6.12 13.71 10.08
C TYR A 584 -6.65 14.64 11.16
N ASN A 585 -5.74 15.41 11.75
CA ASN A 585 -6.09 16.37 12.81
C ASN A 585 -6.95 17.53 12.32
N SER A 586 -6.90 17.78 11.01
CA SER A 586 -7.67 18.86 10.42
C SER A 586 -9.17 18.57 10.53
N CYS A 587 -9.51 17.33 10.88
CA CYS A 587 -10.92 16.95 11.05
C CYS A 587 -11.20 16.55 12.51
N ALA A 588 -11.94 17.41 13.21
CA ALA A 588 -12.27 17.20 14.62
C ALA A 588 -13.16 15.98 14.89
N GLU A 589 -13.89 15.53 13.87
CA GLU A 589 -14.77 14.39 14.06
C GLU A 589 -14.03 13.06 14.04
N THR A 590 -12.76 13.04 13.66
CA THR A 590 -12.01 11.78 13.63
C THR A 590 -10.79 11.76 14.55
N ASN A 591 -10.68 10.70 15.33
CA ASN A 591 -9.57 10.49 16.29
C ASN A 591 -9.04 9.04 16.28
N ALA A 592 -7.75 8.88 15.96
CA ALA A 592 -7.15 7.56 15.87
C ALA A 592 -7.33 6.67 17.09
N ALA A 593 -6.92 7.18 18.25
CA ALA A 593 -7.02 6.43 19.50
C ALA A 593 -8.43 5.92 19.70
N ARG A 594 -9.38 6.83 19.72
CA ARG A 594 -10.78 6.45 19.92
C ARG A 594 -11.22 5.32 18.98
N MET A 595 -10.91 5.43 17.69
CA MET A 595 -11.32 4.40 16.74
C MET A 595 -10.66 3.08 17.10
N ALA A 596 -9.37 3.13 17.45
CA ALA A 596 -8.62 1.93 17.80
C ALA A 596 -9.20 1.34 19.08
N HIS A 597 -9.57 2.21 20.02
CA HIS A 597 -10.15 1.78 21.28
C HIS A 597 -11.49 1.08 21.05
N TYR A 598 -12.33 1.65 20.19
CA TYR A 598 -13.61 1.02 19.90
C TYR A 598 -13.39 -0.30 19.16
N LEU A 599 -12.52 -0.27 18.16
CA LEU A 599 -12.26 -1.47 17.37
C LEU A 599 -11.91 -2.69 18.23
N GLU A 600 -11.12 -2.47 19.27
CA GLU A 600 -10.73 -3.54 20.15
C GLU A 600 -11.95 -4.10 20.88
N LYS A 601 -12.75 -3.18 21.41
CA LYS A 601 -13.95 -3.54 22.16
C LYS A 601 -14.93 -4.27 21.25
N ALA A 602 -14.99 -3.86 19.99
CA ALA A 602 -15.86 -4.50 19.02
C ALA A 602 -15.40 -5.94 18.79
N LEU A 603 -14.09 -6.14 18.59
CA LEU A 603 -13.57 -7.48 18.37
C LEU A 603 -13.91 -8.37 19.56
N LEU A 604 -13.76 -7.84 20.76
CA LEU A 604 -14.03 -8.60 21.96
C LEU A 604 -15.51 -8.90 22.18
N ASP A 605 -16.39 -7.92 21.96
CA ASP A 605 -17.81 -8.17 22.15
C ASP A 605 -18.30 -9.19 21.14
N MET A 606 -17.67 -9.23 19.98
CA MET A 606 -18.06 -10.21 18.96
C MET A 606 -17.69 -11.60 19.43
N ARG A 607 -16.51 -11.77 20.03
CA ARG A 607 -16.11 -13.07 20.53
C ARG A 607 -17.04 -13.50 21.66
N THR A 608 -17.21 -12.63 22.65
CA THR A 608 -18.07 -12.90 23.78
C THR A 608 -19.45 -13.35 23.27
N LEU A 609 -20.01 -12.61 22.33
CA LEU A 609 -21.33 -12.92 21.76
C LEU A 609 -21.37 -14.28 21.06
N LEU A 610 -20.35 -14.56 20.26
CA LEU A 610 -20.26 -15.82 19.56
C LEU A 610 -20.16 -17.03 20.52
N GLN A 611 -19.29 -16.93 21.52
CA GLN A 611 -19.07 -18.00 22.47
C GLN A 611 -20.24 -18.26 23.43
N ASN A 612 -21.06 -17.24 23.69
CA ASN A 612 -22.18 -17.43 24.59
C ASN A 612 -23.43 -17.94 23.89
N HIS A 613 -23.34 -18.15 22.58
CA HIS A 613 -24.48 -18.62 21.80
C HIS A 613 -24.01 -19.54 20.67
N PRO A 614 -23.42 -20.69 21.02
CA PRO A 614 -22.91 -21.68 20.06
C PRO A 614 -24.00 -22.31 19.23
N ARG A 615 -23.61 -23.10 18.24
CA ARG A 615 -24.58 -23.79 17.38
C ARG A 615 -25.26 -24.92 18.16
N ALA A 616 -24.75 -26.13 18.02
CA ALA A 616 -25.33 -27.27 18.73
C ALA A 616 -24.30 -28.30 19.17
N LYS A 617 -24.76 -29.32 19.89
CA LYS A 617 -23.91 -30.40 20.37
C LYS A 617 -24.48 -31.77 20.01
C1 152 B . -5.34 -0.81 -3.73
O1A 152 B . -5.26 -0.63 -4.96
O1B 152 B . -6.42 -1.07 -3.16
C2 152 B . -4.08 -0.69 -2.88
C3 152 B . -4.35 -0.18 -1.47
O3 152 B . -3.23 -0.48 -0.63
C4 152 B . -4.54 1.35 -1.54
N5 152 B . -5.28 1.83 -0.37
C5A 152 B . -6.42 0.97 -0.08
C5B 152 B . -4.39 1.88 0.78
C5C 152 B . -5.77 3.19 -0.64
#